data_7HEL
#
_entry.id   7HEL
#
_cell.length_a   88.809
_cell.length_b   88.809
_cell.length_c   39.499
_cell.angle_alpha   90.000
_cell.angle_beta   90.000
_cell.angle_gamma   90.000
#
_symmetry.space_group_name_H-M   'P 43'
#
loop_
_entity.id
_entity.type
_entity.pdbx_description
1 polymer 'Non-structural protein 3'
2 non-polymer (2S)-3-(4-methylphenyl)-2-[(7H-pyrrolo[2,3-d]pyrimidin-4-yl)amino]propan-1-ol
3 non-polymer (2R)-3-(4-methylphenyl)-2-[(7H-pyrrolo[2,3-d]pyrimidin-4-yl)amino]propan-1-ol
4 non-polymer 'CHLORIDE ION'
5 water water
#
_entity_poly.entity_id   1
_entity_poly.type   'polypeptide(L)'
_entity_poly.pdbx_seq_one_letter_code
;SMVNSFSGYLKLTDNVYIKNADIVEEAKKVKPTVVVNAANVYLKHGGGVAGALNKATNNAMQVESDDYIATNGPLKVGGS
CVLSGHNLAKHCLHVVGPNVNKGEDIQLLKSAYENFNQHEVLLAPLLSAGIFGADPIHSLRVCVDTVRTNVYLAVFDKNL
YDKLVSSFL
;
_entity_poly.pdbx_strand_id   A,B
#
loop_
_chem_comp.id
_chem_comp.type
_chem_comp.name
_chem_comp.formula
A1A9Y non-polymer (2R)-3-(4-methylphenyl)-2-[(7H-pyrrolo[2,3-d]pyrimidin-4-yl)amino]propan-1-ol 'C16 H18 N4 O'
A1A9Z non-polymer (2S)-3-(4-methylphenyl)-2-[(7H-pyrrolo[2,3-d]pyrimidin-4-yl)amino]propan-1-ol 'C16 H18 N4 O'
CL non-polymer 'CHLORIDE ION' 'Cl -1'
#
# COMPACT_ATOMS: atom_id res chain seq x y z
N VAL A 3 3.67 15.25 -18.19
N VAL A 3 3.63 15.32 -18.31
CA VAL A 3 2.34 15.49 -18.74
CA VAL A 3 2.30 15.52 -18.87
C VAL A 3 1.63 14.16 -18.97
C VAL A 3 1.60 14.19 -19.06
N ASN A 4 0.36 14.09 -18.56
CA ASN A 4 -0.47 12.91 -18.75
C ASN A 4 -1.80 13.32 -19.37
N SER A 5 -2.65 12.33 -19.67
N SER A 5 -2.61 12.31 -19.70
CA SER A 5 -3.88 12.57 -20.40
CA SER A 5 -3.84 12.51 -20.48
C SER A 5 -5.11 12.72 -19.51
C SER A 5 -5.07 12.66 -19.61
N PHE A 6 -4.94 12.93 -18.21
N PHE A 6 -4.92 12.71 -18.29
CA PHE A 6 -6.07 13.18 -17.32
CA PHE A 6 -6.04 13.05 -17.42
C PHE A 6 -6.56 14.61 -17.50
C PHE A 6 -6.43 14.50 -17.67
N SER A 7 -7.89 14.78 -17.52
N SER A 7 -7.67 14.73 -18.07
CA SER A 7 -8.50 16.04 -17.91
CA SER A 7 -8.13 16.06 -18.45
C SER A 7 -9.61 16.44 -16.94
C SER A 7 -9.31 16.48 -17.57
N GLY A 8 -9.67 17.73 -16.62
N GLY A 8 -9.31 17.74 -17.18
CA GLY A 8 -10.78 18.26 -15.83
CA GLY A 8 -10.42 18.29 -16.44
C GLY A 8 -10.68 18.05 -14.33
C GLY A 8 -10.37 18.10 -14.94
N TYR A 9 -9.49 17.76 -13.81
N TYR A 9 -9.26 17.62 -14.39
CA TYR A 9 -9.30 17.55 -12.38
CA TYR A 9 -9.18 17.42 -12.95
C TYR A 9 -9.00 18.86 -11.67
C TYR A 9 -8.86 18.72 -12.23
N LEU A 10 -9.46 18.94 -10.43
N LEU A 10 -9.43 18.87 -11.04
CA LEU A 10 -9.03 20.01 -9.52
CA LEU A 10 -9.08 19.96 -10.13
C LEU A 10 -7.80 19.53 -8.76
C LEU A 10 -7.87 19.51 -9.32
N LYS A 11 -6.80 20.40 -8.65
N LYS A 11 -6.87 20.38 -9.23
CA LYS A 11 -5.55 20.07 -7.97
CA LYS A 11 -5.66 20.07 -8.47
C LYS A 11 -5.70 20.37 -6.48
C LYS A 11 -5.91 20.36 -7.01
N LEU A 12 -5.61 19.35 -5.64
N LEU A 12 -5.67 19.37 -6.15
CA LEU A 12 -5.69 19.57 -4.20
CA LEU A 12 -5.83 19.56 -4.71
C LEU A 12 -4.33 19.83 -3.56
C LEU A 12 -4.52 19.83 -3.99
N THR A 13 -3.31 19.08 -4.00
N THR A 13 -3.47 19.08 -4.33
CA THR A 13 -1.94 19.21 -3.51
CA THR A 13 -2.17 19.23 -3.69
C THR A 13 -0.99 19.01 -4.68
C THR A 13 -1.09 19.04 -4.76
N ASP A 14 0.30 18.92 -4.37
N ASP A 14 0.16 19.00 -4.31
CA ASP A 14 1.31 18.68 -5.40
CA ASP A 14 1.26 18.71 -5.20
C ASP A 14 0.97 17.47 -6.26
C ASP A 14 1.03 17.42 -5.99
N ASN A 15 0.44 16.40 -5.66
N ASN A 15 0.34 16.43 -5.41
CA ASN A 15 0.31 15.11 -6.32
CA ASN A 15 0.26 15.11 -6.02
C ASN A 15 -1.11 14.55 -6.34
C ASN A 15 -1.13 14.50 -6.09
N VAL A 16 -2.05 15.12 -5.59
N VAL A 16 -2.19 15.25 -5.76
CA VAL A 16 -3.43 14.64 -5.50
CA VAL A 16 -3.54 14.70 -5.71
C VAL A 16 -4.36 15.56 -6.28
C VAL A 16 -4.48 15.59 -6.54
N TYR A 17 -5.16 14.95 -7.14
N TYR A 17 -5.27 14.93 -7.41
CA TYR A 17 -6.13 15.62 -8.00
CA TYR A 17 -6.17 15.57 -8.34
C TYR A 17 -7.48 14.93 -7.80
C TYR A 17 -7.53 14.91 -8.24
N ILE A 18 -8.59 15.65 -8.07
N ILE A 18 -8.61 15.64 -8.53
CA ILE A 18 -9.92 15.12 -7.78
CA ILE A 18 -9.95 15.12 -8.31
C ILE A 18 -10.92 15.62 -8.83
C ILE A 18 -10.91 15.58 -9.39
N LYS A 19 -11.90 14.78 -9.16
N LYS A 19 -11.88 14.72 -9.68
CA LYS A 19 -12.85 15.05 -10.24
CA LYS A 19 -12.89 14.99 -10.71
C LYS A 19 -14.17 14.32 -9.99
C LYS A 19 -14.18 14.28 -10.30
N ASN A 20 -15.25 14.88 -10.53
N ASN A 20 -15.32 14.97 -10.41
CA ASN A 20 -16.55 14.20 -10.57
CA ASN A 20 -16.62 14.32 -10.22
C ASN A 20 -16.59 13.40 -11.86
C ASN A 20 -16.86 13.42 -11.43
N ALA A 21 -16.51 12.08 -11.75
N ALA A 21 -16.61 12.12 -11.25
CA ALA A 21 -16.47 11.24 -12.94
CA ALA A 21 -16.72 11.21 -12.39
C ALA A 21 -16.77 9.81 -12.54
C ALA A 21 -16.87 9.79 -11.88
N ASP A 22 -17.34 9.07 -13.49
N ASP A 22 -17.42 8.94 -12.76
CA ASP A 22 -17.53 7.63 -13.36
CA ASP A 22 -17.45 7.49 -12.57
C ASP A 22 -16.21 6.96 -13.69
C ASP A 22 -16.09 6.94 -12.97
N ILE A 23 -15.61 6.30 -12.69
N ILE A 23 -15.42 6.24 -12.05
CA ILE A 23 -14.29 5.70 -12.86
CA ILE A 23 -14.09 5.70 -12.33
C ILE A 23 -14.28 4.71 -14.01
C ILE A 23 -14.12 4.80 -13.56
N VAL A 24 -15.41 4.04 -14.26
N VAL A 24 -15.24 4.09 -13.77
CA VAL A 24 -15.51 3.14 -15.41
CA VAL A 24 -15.34 3.23 -14.94
C VAL A 24 -15.30 3.91 -16.70
C VAL A 24 -15.27 4.05 -16.23
N GLU A 25 -16.05 5.01 -16.88
N GLU A 25 -15.98 5.17 -16.26
CA GLU A 25 -15.93 5.81 -18.08
CA GLU A 25 -15.96 6.03 -17.45
C GLU A 25 -14.58 6.51 -18.15
C GLU A 25 -14.59 6.70 -17.62
N GLU A 26 -14.06 6.95 -17.01
N GLU A 26 -13.98 7.13 -16.52
CA GLU A 26 -12.73 7.56 -16.99
CA GLU A 26 -12.63 7.69 -16.61
C GLU A 26 -11.68 6.58 -17.47
C GLU A 26 -11.65 6.65 -17.15
N ALA A 27 -11.69 5.36 -16.94
N ALA A 27 -11.77 5.40 -16.71
CA ALA A 27 -10.69 4.37 -17.31
CA ALA A 27 -10.87 4.35 -17.19
C ALA A 27 -10.75 4.05 -18.80
C ALA A 27 -11.08 4.10 -18.68
N LYS A 28 -11.96 3.85 -19.33
N LYS A 28 -12.33 4.01 -19.12
CA LYS A 28 -12.10 3.56 -20.74
CA LYS A 28 -12.60 3.73 -20.53
C LYS A 28 -11.53 4.69 -21.60
C LYS A 28 -12.02 4.80 -21.45
N LYS A 29 -11.77 5.94 -21.19
N LYS A 29 -11.90 6.03 -20.96
CA LYS A 29 -11.26 7.07 -21.96
CA LYS A 29 -11.46 7.14 -21.79
C LYS A 29 -9.75 7.17 -21.84
C LYS A 29 -9.96 7.37 -21.76
N VAL A 30 -9.23 7.23 -20.61
N VAL A 30 -9.31 7.07 -20.63
CA VAL A 30 -7.80 7.46 -20.40
CA VAL A 30 -7.90 7.42 -20.43
C VAL A 30 -6.99 6.20 -20.69
C VAL A 30 -7.01 6.21 -20.69
N LYS A 31 -7.51 5.02 -20.36
CA LYS A 31 -6.74 3.78 -20.39
C LYS A 31 -5.46 3.96 -19.59
N PRO A 32 -5.57 4.27 -18.31
CA PRO A 32 -4.38 4.56 -17.50
C PRO A 32 -3.53 3.32 -17.31
N THR A 33 -2.28 3.55 -16.90
CA THR A 33 -1.42 2.43 -16.56
C THR A 33 -2.00 1.62 -15.40
N VAL A 34 -2.58 2.29 -14.41
CA VAL A 34 -3.12 1.64 -13.22
C VAL A 34 -4.47 2.25 -12.90
N VAL A 35 -5.50 1.39 -12.83
CA VAL A 35 -6.77 1.74 -12.19
C VAL A 35 -6.85 0.98 -10.87
N VAL A 36 -7.28 1.67 -9.82
CA VAL A 36 -7.46 1.06 -8.51
C VAL A 36 -8.89 0.57 -8.38
N ASN A 37 -9.04 -0.69 -7.95
CA ASN A 37 -10.33 -1.24 -7.55
C ASN A 37 -10.49 -1.20 -6.04
N ALA A 38 -11.70 -0.84 -5.61
N ALA A 38 -11.69 -0.83 -5.60
CA ALA A 38 -12.15 -0.95 -4.23
CA ALA A 38 -12.04 -0.88 -4.17
C ALA A 38 -12.53 -2.40 -3.98
C ALA A 38 -12.52 -2.29 -3.84
N ALA A 39 -11.52 -3.23 -3.69
N ALA A 39 -11.55 -3.18 -3.60
CA ALA A 39 -11.67 -4.67 -3.59
CA ALA A 39 -11.81 -4.60 -3.48
C ALA A 39 -12.01 -5.09 -2.16
C ALA A 39 -12.12 -5.01 -2.05
N ASN A 40 -12.49 -6.33 -2.05
N ASN A 40 -12.66 -6.22 -1.90
CA ASN A 40 -12.55 -7.04 -0.78
CA ASN A 40 -12.71 -6.92 -0.63
C ASN A 40 -11.54 -8.18 -0.78
C ASN A 40 -11.72 -8.07 -0.65
N VAL A 41 -11.30 -8.77 0.40
N VAL A 41 -11.55 -8.72 0.51
CA VAL A 41 -10.25 -9.77 0.52
CA VAL A 41 -10.46 -9.69 0.68
C VAL A 41 -10.53 -10.97 -0.37
C VAL A 41 -10.59 -10.92 -0.22
N TYR A 42 -11.80 -11.23 -0.68
CA TYR A 42 -12.11 -12.39 -1.52
C TYR A 42 -12.13 -12.06 -2.99
N LEU A 43 -11.86 -10.80 -3.36
N LEU A 43 -11.87 -10.80 -3.36
CA LEU A 43 -11.93 -10.34 -4.75
CA LEU A 43 -12.03 -10.31 -4.72
C LEU A 43 -13.27 -10.71 -5.39
C LEU A 43 -13.36 -10.75 -5.31
N LYS A 44 -14.34 -10.66 -4.59
N LYS A 44 -14.42 -10.56 -4.53
CA LYS A 44 -15.69 -10.86 -5.09
CA LYS A 44 -15.80 -10.77 -5.00
C LYS A 44 -16.26 -9.49 -5.45
C LYS A 44 -16.35 -9.42 -5.42
N HIS A 45 -16.36 -9.22 -6.75
N HIS A 45 -16.37 -9.18 -6.74
CA HIS A 45 -16.62 -7.87 -7.23
CA HIS A 45 -16.68 -7.86 -7.29
C HIS A 45 -18.11 -7.69 -7.51
C HIS A 45 -18.18 -7.75 -7.53
N GLY A 46 -18.90 -7.69 -6.43
N GLY A 46 -18.91 -7.45 -6.47
CA GLY A 46 -20.33 -7.78 -6.55
CA GLY A 46 -20.36 -7.48 -6.55
C GLY A 46 -21.08 -6.47 -6.67
C GLY A 46 -21.03 -6.16 -6.88
N GLY A 47 -20.54 -5.40 -6.09
N GLY A 47 -20.54 -5.08 -6.26
CA GLY A 47 -21.22 -4.13 -6.04
CA GLY A 47 -21.19 -3.79 -6.39
C GLY A 47 -20.23 -3.01 -5.81
C GLY A 47 -20.22 -2.67 -6.16
N GLY A 48 -20.76 -1.79 -5.69
N GLY A 48 -20.76 -1.45 -6.17
CA GLY A 48 -19.89 -0.65 -5.53
CA GLY A 48 -19.90 -0.29 -6.03
C GLY A 48 -19.01 -0.45 -6.75
C GLY A 48 -18.86 -0.25 -7.14
N VAL A 49 -17.85 0.18 -6.53
N VAL A 49 -17.69 0.28 -6.79
CA VAL A 49 -16.89 0.37 -7.61
CA VAL A 49 -16.58 0.36 -7.74
C VAL A 49 -16.48 -0.97 -8.20
C VAL A 49 -16.30 -1.01 -8.35
N ALA A 50 -16.25 -1.97 -7.35
N ALA A 50 -16.17 -2.03 -7.51
CA ALA A 50 -15.77 -3.26 -7.83
CA ALA A 50 -15.73 -3.33 -8.00
C ALA A 50 -16.79 -3.92 -8.75
C ALA A 50 -16.74 -3.95 -8.96
N GLY A 51 -18.06 -3.89 -8.37
N GLY A 51 -18.02 -3.94 -8.57
CA GLY A 51 -19.08 -4.47 -9.24
CA GLY A 51 -19.04 -4.47 -9.45
C GLY A 51 -19.16 -3.76 -10.58
C GLY A 51 -19.09 -3.72 -10.77
N ALA A 52 -19.00 -2.44 -10.57
N ALA A 52 -18.90 -2.39 -10.71
CA ALA A 52 -19.08 -1.67 -11.81
CA ALA A 52 -18.94 -1.59 -11.93
C ALA A 52 -17.88 -1.95 -12.72
C ALA A 52 -17.73 -1.85 -12.82
N LEU A 53 -16.67 -1.94 -12.15
N LEU A 53 -16.53 -1.89 -12.23
CA LEU A 53 -15.48 -2.21 -12.95
CA LEU A 53 -15.36 -2.26 -13.03
C LEU A 53 -15.54 -3.61 -13.54
C LEU A 53 -15.53 -3.66 -13.62
N ASN A 54 -15.98 -4.59 -12.76
N ASN A 54 -15.91 -4.62 -12.80
CA ASN A 54 -16.03 -5.95 -13.27
CA ASN A 54 -16.02 -5.99 -13.31
C ASN A 54 -17.05 -6.07 -14.40
C ASN A 54 -17.06 -6.08 -14.42
N LYS A 55 -18.21 -5.43 -14.25
CA LYS A 55 -19.22 -5.45 -15.30
C LYS A 55 -18.65 -4.90 -16.61
N ALA A 56 -17.85 -3.83 -16.53
CA ALA A 56 -17.26 -3.23 -17.71
C ALA A 56 -16.28 -4.17 -18.41
N THR A 57 -15.69 -5.13 -17.68
CA THR A 57 -14.82 -6.14 -18.27
C THR A 57 -15.57 -7.38 -18.73
N ASN A 58 -16.91 -7.35 -18.71
CA ASN A 58 -17.69 -8.52 -19.14
C ASN A 58 -17.40 -9.73 -18.27
N ASN A 59 -17.11 -9.51 -16.98
CA ASN A 59 -16.82 -10.53 -15.96
C ASN A 59 -15.42 -11.11 -16.08
N ALA A 60 -14.58 -10.64 -17.00
CA ALA A 60 -13.22 -11.17 -17.09
C ALA A 60 -12.42 -10.87 -15.82
N MET A 61 -12.65 -9.71 -15.21
CA MET A 61 -11.99 -9.40 -13.94
C MET A 61 -12.31 -10.45 -12.87
N GLN A 62 -13.59 -10.83 -12.78
CA GLN A 62 -13.99 -11.84 -11.78
C GLN A 62 -13.34 -13.19 -12.07
N VAL A 63 -13.32 -13.61 -13.34
CA VAL A 63 -12.72 -14.91 -13.69
C VAL A 63 -11.25 -14.92 -13.29
N GLU A 64 -10.52 -13.86 -13.64
CA GLU A 64 -9.11 -13.77 -13.27
C GLU A 64 -8.95 -13.76 -11.75
N SER A 65 -9.83 -13.03 -11.06
CA SER A 65 -9.74 -12.92 -9.62
C SER A 65 -9.98 -14.27 -8.94
N ASP A 66 -10.93 -15.05 -9.45
CA ASP A 66 -11.21 -16.34 -8.82
C ASP A 66 -10.01 -17.27 -8.92
N ASP A 67 -9.30 -17.24 -10.06
CA ASP A 67 -8.08 -18.01 -10.17
C ASP A 67 -7.01 -17.49 -9.21
N TYR A 68 -6.89 -16.17 -9.06
CA TYR A 68 -5.93 -15.61 -8.10
C TYR A 68 -6.20 -16.11 -6.69
N ILE A 69 -7.46 -16.08 -6.25
CA ILE A 69 -7.80 -16.52 -4.90
C ILE A 69 -7.58 -18.02 -4.74
N ALA A 70 -7.94 -18.80 -5.75
CA ALA A 70 -7.74 -20.25 -5.66
C ALA A 70 -6.27 -20.58 -5.46
N THR A 71 -5.37 -19.79 -6.05
CA THR A 71 -3.93 -20.02 -5.91
C THR A 71 -3.37 -19.45 -4.62
N ASN A 72 -3.78 -18.24 -4.24
CA ASN A 72 -3.08 -17.46 -3.23
C ASN A 72 -3.86 -17.26 -1.94
N GLY A 73 -5.14 -17.55 -1.91
CA GLY A 73 -5.96 -17.23 -0.77
C GLY A 73 -6.31 -15.76 -0.69
N PRO A 74 -7.12 -15.39 0.30
CA PRO A 74 -7.59 -14.01 0.40
C PRO A 74 -6.49 -13.00 0.66
N LEU A 75 -6.75 -11.78 0.23
CA LEU A 75 -5.91 -10.65 0.62
C LEU A 75 -6.10 -10.33 2.10
N LYS A 76 -5.24 -9.47 2.61
CA LYS A 76 -5.38 -8.85 3.92
C LYS A 76 -6.16 -7.55 3.79
N VAL A 77 -6.97 -7.21 4.81
CA VAL A 77 -7.49 -5.85 4.88
C VAL A 77 -6.31 -4.89 5.02
N GLY A 78 -6.27 -3.88 4.15
CA GLY A 78 -5.13 -2.99 4.02
C GLY A 78 -4.15 -3.41 2.94
N GLY A 79 -4.34 -4.59 2.34
CA GLY A 79 -3.43 -5.13 1.35
C GLY A 79 -3.93 -4.92 -0.07
N SER A 80 -3.17 -5.48 -1.01
CA SER A 80 -3.45 -5.29 -2.42
C SER A 80 -2.83 -6.41 -3.24
N CYS A 81 -3.28 -6.50 -4.50
CA CYS A 81 -2.58 -7.27 -5.50
C CYS A 81 -2.74 -6.59 -6.85
N VAL A 82 -1.77 -6.82 -7.73
CA VAL A 82 -1.80 -6.30 -9.10
C VAL A 82 -2.29 -7.41 -10.02
N LEU A 83 -3.36 -7.13 -10.76
CA LEU A 83 -3.88 -8.03 -11.77
C LEU A 83 -4.05 -7.26 -13.06
N SER A 84 -4.60 -7.92 -14.08
CA SER A 84 -4.79 -7.25 -15.36
C SER A 84 -5.80 -6.11 -15.24
N GLY A 85 -5.60 -5.08 -16.06
CA GLY A 85 -6.59 -4.04 -16.22
C GLY A 85 -7.62 -4.32 -17.31
N HIS A 86 -7.49 -5.45 -18.01
CA HIS A 86 -8.46 -5.87 -19.02
C HIS A 86 -8.61 -4.75 -20.05
N ASN A 87 -9.82 -4.39 -20.43
CA ASN A 87 -10.10 -3.34 -21.39
C ASN A 87 -10.10 -1.95 -20.78
N LEU A 88 -9.79 -1.82 -19.50
CA LEU A 88 -9.92 -0.54 -18.79
C LEU A 88 -8.61 0.17 -18.53
N ALA A 89 -7.51 -0.57 -18.43
CA ALA A 89 -6.22 -0.04 -17.99
C ALA A 89 -5.19 -1.13 -18.28
N LYS A 90 -3.92 -0.78 -18.20
CA LYS A 90 -2.90 -1.83 -18.30
C LYS A 90 -3.02 -2.80 -17.12
N HIS A 91 -3.06 -2.26 -15.90
CA HIS A 91 -3.12 -3.02 -14.68
C HIS A 91 -4.28 -2.53 -13.82
N CYS A 92 -4.81 -3.44 -13.02
CA CYS A 92 -5.72 -3.09 -11.94
C CYS A 92 -5.03 -3.41 -10.60
N LEU A 93 -4.88 -2.39 -9.76
CA LEU A 93 -4.43 -2.56 -8.39
C LEU A 93 -5.67 -2.74 -7.52
N HIS A 94 -5.90 -3.98 -7.08
CA HIS A 94 -7.02 -4.29 -6.18
C HIS A 94 -6.57 -3.98 -4.77
N VAL A 95 -7.19 -2.98 -4.13
CA VAL A 95 -6.81 -2.52 -2.80
C VAL A 95 -7.98 -2.72 -1.86
N VAL A 96 -7.73 -3.32 -0.70
CA VAL A 96 -8.77 -3.59 0.28
C VAL A 96 -8.69 -2.53 1.39
N GLY A 97 -9.59 -1.56 1.34
N GLY A 97 -9.61 -1.57 1.38
CA GLY A 97 -9.80 -0.69 2.47
CA GLY A 97 -9.79 -0.69 2.50
C GLY A 97 -10.72 -1.36 3.47
C GLY A 97 -10.62 -1.37 3.56
N PRO A 98 -10.66 -0.95 4.73
N PRO A 98 -10.54 -0.89 4.81
CA PRO A 98 -11.60 -1.50 5.71
CA PRO A 98 -11.37 -1.45 5.87
C PRO A 98 -13.05 -1.17 5.35
C PRO A 98 -12.85 -1.19 5.63
N ASN A 99 -13.91 -2.17 5.53
N ASN A 99 -13.68 -2.17 5.97
CA ASN A 99 -15.35 -2.00 5.35
CA ASN A 99 -15.12 -2.06 5.87
C ASN A 99 -15.98 -1.81 6.72
C ASN A 99 -15.66 -1.77 7.26
N VAL A 100 -16.38 -0.57 7.01
N VAL A 100 -16.17 -0.54 7.45
CA VAL A 100 -16.95 -0.24 8.31
CA VAL A 100 -16.68 -0.14 8.76
C VAL A 100 -18.23 -1.04 8.56
C VAL A 100 -17.87 -0.99 9.15
N ASN A 101 -18.98 -1.34 7.51
N ASN A 101 -18.68 -1.41 8.17
CA ASN A 101 -20.18 -2.15 7.67
CA ASN A 101 -19.82 -2.26 8.43
C ASN A 101 -19.88 -3.62 8.01
C ASN A 101 -19.42 -3.68 8.82
N LYS A 102 -18.59 -3.99 8.08
N LYS A 102 -18.15 -4.03 8.67
CA LYS A 102 -18.16 -5.27 8.63
CA LYS A 102 -17.62 -5.32 9.12
C LYS A 102 -17.47 -5.14 9.97
C LYS A 102 -16.86 -5.20 10.44
N GLY A 103 -17.32 -3.91 10.50
N GLY A 103 -16.85 -4.02 11.05
CA GLY A 103 -16.64 -3.72 11.76
CA GLY A 103 -16.11 -3.81 12.28
C GLY A 103 -15.14 -3.67 11.66
C GLY A 103 -14.61 -3.62 12.10
N GLU A 104 -14.58 -3.39 10.48
N GLU A 104 -14.16 -3.37 10.88
CA GLU A 104 -13.14 -3.43 10.30
CA GLU A 104 -12.73 -3.38 10.59
C GLU A 104 -12.48 -2.11 10.71
C GLU A 104 -12.08 -2.05 10.98
N ASP A 105 -11.27 -2.22 11.24
N ASP A 105 -10.79 -2.13 11.33
CA ASP A 105 -10.59 -1.09 11.85
CA ASP A 105 -10.07 -1.02 11.95
C ASP A 105 -10.28 -0.02 10.81
C ASP A 105 -9.87 0.11 10.95
N ILE A 106 -10.75 1.21 11.07
N ILE A 106 -10.43 1.28 11.25
CA ILE A 106 -10.56 2.29 10.12
CA ILE A 106 -10.28 2.44 10.36
C ILE A 106 -9.11 2.74 10.03
C ILE A 106 -8.82 2.79 10.18
N GLN A 107 -8.29 2.42 11.04
N GLN A 107 -7.98 2.51 11.19
CA GLN A 107 -6.87 2.77 10.99
CA GLN A 107 -6.55 2.74 11.04
C GLN A 107 -6.17 2.11 9.81
C GLN A 107 -5.95 1.96 9.88
N LEU A 108 -6.65 0.94 9.39
CA LEU A 108 -6.13 0.22 8.24
C LEU A 108 -6.30 0.99 6.95
N LEU A 109 -7.06 2.10 6.96
CA LEU A 109 -7.20 2.88 5.74
C LEU A 109 -5.86 3.46 5.30
N LYS A 110 -5.02 3.88 6.25
CA LYS A 110 -3.71 4.40 5.87
C LYS A 110 -2.87 3.31 5.21
N SER A 111 -2.87 2.10 5.79
CA SER A 111 -2.16 0.98 5.19
C SER A 111 -2.64 0.71 3.77
N ALA A 112 -3.96 0.79 3.56
CA ALA A 112 -4.52 0.57 2.23
C ALA A 112 -3.97 1.59 1.24
N TYR A 113 -3.98 2.88 1.61
CA TYR A 113 -3.46 3.90 0.70
C TYR A 113 -1.96 3.77 0.45
N GLU A 114 -1.20 3.20 1.39
CA GLU A 114 0.23 3.03 1.18
C GLU A 114 0.52 2.19 -0.07
N ASN A 115 -0.39 1.30 -0.44
CA ASN A 115 -0.18 0.51 -1.64
C ASN A 115 -0.05 1.39 -2.88
N PHE A 116 -0.69 2.56 -2.88
CA PHE A 116 -0.62 3.44 -4.05
C PHE A 116 0.82 3.91 -4.31
N ASN A 117 1.66 3.98 -3.27
CA ASN A 117 3.01 4.52 -3.44
C ASN A 117 3.91 3.63 -4.26
N GLN A 118 3.48 2.40 -4.56
CA GLN A 118 4.26 1.52 -5.43
C GLN A 118 4.02 1.79 -6.91
N HIS A 119 3.23 2.80 -7.25
CA HIS A 119 2.88 3.12 -8.63
C HIS A 119 2.98 4.62 -8.84
N GLU A 120 3.66 5.02 -9.92
N GLU A 120 3.67 5.02 -9.91
CA GLU A 120 3.96 6.44 -10.12
CA GLU A 120 3.96 6.44 -10.12
C GLU A 120 2.70 7.26 -10.39
C GLU A 120 2.70 7.26 -10.39
N VAL A 121 1.71 6.69 -11.07
CA VAL A 121 0.48 7.40 -11.42
C VAL A 121 -0.67 6.41 -11.35
N LEU A 122 -1.80 6.82 -10.75
CA LEU A 122 -2.96 5.95 -10.62
C LEU A 122 -4.25 6.74 -10.80
N LEU A 123 -5.25 6.08 -11.38
CA LEU A 123 -6.64 6.50 -11.33
C LEU A 123 -7.31 5.69 -10.22
N ALA A 124 -8.03 6.36 -9.31
N ALA A 124 -7.98 6.37 -9.29
CA ALA A 124 -8.51 5.64 -8.14
CA ALA A 124 -8.39 5.69 -8.06
C ALA A 124 -9.83 6.23 -7.66
C ALA A 124 -9.71 6.22 -7.52
N PRO A 125 -10.63 5.44 -6.95
N PRO A 125 -10.47 5.38 -6.82
CA PRO A 125 -11.71 5.97 -6.12
CA PRO A 125 -11.64 5.85 -6.09
C PRO A 125 -11.19 6.26 -4.70
C PRO A 125 -11.22 6.22 -4.67
N LEU A 126 -12.04 6.89 -3.91
N LEU A 126 -12.16 6.80 -3.94
CA LEU A 126 -11.76 7.03 -2.48
CA LEU A 126 -11.95 7.10 -2.53
C LEU A 126 -11.95 5.70 -1.77
C LEU A 126 -12.12 5.81 -1.73
N LEU A 127 -10.91 5.24 -1.09
N LEU A 127 -11.02 5.25 -1.23
CA LEU A 127 -10.94 3.96 -0.41
CA LEU A 127 -11.08 3.96 -0.55
C LEU A 127 -11.89 4.01 0.77
C LEU A 127 -11.93 4.06 0.72
N SER A 128 -12.60 2.91 0.97
N SER A 128 -12.63 2.97 1.00
CA SER A 128 -13.54 2.72 2.06
CA SER A 128 -13.50 2.75 2.15
C SER A 128 -14.76 3.65 1.98
C SER A 128 -14.76 3.61 2.14
N ALA A 129 -14.91 4.41 0.89
N ALA A 129 -14.96 4.46 1.13
CA ALA A 129 -16.10 5.21 0.67
CA ALA A 129 -16.17 5.27 1.03
C ALA A 129 -17.24 4.34 0.15
C ALA A 129 -17.30 4.47 0.37
N GLY A 130 -18.36 4.97 -0.19
N GLY A 130 -18.47 5.10 0.28
CA GLY A 130 -19.47 4.21 -0.75
CA GLY A 130 -19.61 4.44 -0.32
C GLY A 130 -19.95 3.15 0.23
C GLY A 130 -20.01 3.21 0.46
N ILE A 131 -20.13 1.93 -0.28
N ILE A 131 -20.27 2.12 -0.27
CA ILE A 131 -20.69 0.83 0.51
CA ILE A 131 -20.77 0.90 0.35
C ILE A 131 -19.73 0.28 1.56
C ILE A 131 -19.84 0.34 1.40
N PHE A 132 -18.47 0.72 1.57
N PHE A 132 -18.58 0.80 1.44
CA PHE A 132 -17.56 0.32 2.63
CA PHE A 132 -17.65 0.38 2.49
C PHE A 132 -17.76 1.15 3.91
C PHE A 132 -17.89 1.09 3.82
N GLY A 133 -18.62 2.17 3.87
N GLY A 133 -18.64 2.18 3.85
CA GLY A 133 -19.14 2.77 5.08
CA GLY A 133 -19.18 2.69 5.09
C GLY A 133 -18.33 3.89 5.71
C GLY A 133 -18.33 3.68 5.88
N ALA A 134 -17.13 4.19 5.21
N ALA A 134 -17.19 4.11 5.36
CA ALA A 134 -16.35 5.24 5.84
CA ALA A 134 -16.35 5.05 6.10
C ALA A 134 -16.76 6.61 5.29
C ALA A 134 -16.71 6.49 5.75
N ASP A 135 -16.38 7.65 6.04
N ASP A 135 -16.19 7.41 6.57
CA ASP A 135 -16.62 9.03 5.65
CA ASP A 135 -16.39 8.83 6.37
C ASP A 135 -15.71 9.39 4.49
C ASP A 135 -15.54 9.29 5.18
N PRO A 136 -16.24 9.72 3.31
N PRO A 136 -16.15 9.75 4.08
CA PRO A 136 -15.36 10.08 2.18
CA PRO A 136 -15.35 10.08 2.90
C PRO A 136 -14.46 11.28 2.45
C PRO A 136 -14.43 11.28 3.10
N ILE A 137 -14.90 12.22 3.30
N ILE A 137 -14.86 12.28 3.86
CA ILE A 137 -14.03 13.35 3.66
CA ILE A 137 -13.97 13.39 4.17
C ILE A 137 -12.78 12.85 4.37
C ILE A 137 -12.70 12.87 4.81
N HIS A 138 -12.97 11.95 5.34
N HIS A 138 -12.84 11.87 5.67
CA HIS A 138 -11.83 11.38 6.06
CA HIS A 138 -11.67 11.21 6.25
C HIS A 138 -10.91 10.61 5.12
C HIS A 138 -10.85 10.49 5.19
N SER A 139 -11.51 9.79 4.26
CA SER A 139 -10.74 9.05 3.27
C SER A 139 -9.87 9.97 2.42
N LEU A 140 -10.41 11.11 2.01
CA LEU A 140 -9.62 12.05 1.21
C LEU A 140 -8.44 12.59 2.02
N ARG A 141 -8.67 12.89 3.29
CA ARG A 141 -7.60 13.38 4.16
C ARG A 141 -6.49 12.34 4.27
N VAL A 142 -6.84 11.09 4.53
CA VAL A 142 -5.83 10.03 4.61
C VAL A 142 -5.10 9.89 3.29
N CYS A 143 -5.83 9.95 2.17
CA CYS A 143 -5.18 9.86 0.87
C CYS A 143 -4.11 10.94 0.72
N VAL A 144 -4.49 12.19 0.97
CA VAL A 144 -3.56 13.31 0.79
C VAL A 144 -2.36 13.17 1.71
N ASP A 145 -2.55 12.67 2.93
CA ASP A 145 -1.49 12.56 3.90
C ASP A 145 -0.68 11.27 3.80
N THR A 146 -1.03 10.37 2.87
CA THR A 146 -0.35 9.08 2.76
C THR A 146 0.25 8.85 1.38
N VAL A 147 -0.49 9.15 0.33
CA VAL A 147 -0.03 8.91 -1.03
C VAL A 147 0.92 10.02 -1.44
N ARG A 148 2.09 9.63 -1.94
CA ARG A 148 3.11 10.54 -2.44
C ARG A 148 3.24 10.51 -3.94
N THR A 149 2.74 9.46 -4.59
CA THR A 149 2.73 9.36 -6.03
C THR A 149 1.50 10.12 -6.57
N ASN A 150 1.39 10.18 -7.89
CA ASN A 150 0.38 11.05 -8.52
C ASN A 150 -0.94 10.29 -8.63
N VAL A 151 -1.94 10.77 -7.90
CA VAL A 151 -3.22 10.09 -7.83
C VAL A 151 -4.33 10.99 -8.36
N TYR A 152 -5.13 10.43 -9.24
N TYR A 152 -5.14 10.41 -9.25
CA TYR A 152 -6.30 11.08 -9.81
CA TYR A 152 -6.26 11.05 -9.92
C TYR A 152 -7.53 10.40 -9.22
C TYR A 152 -7.53 10.36 -9.45
N LEU A 153 -8.21 11.11 -8.31
N LEU A 153 -8.30 11.07 -8.63
CA LEU A 153 -9.36 10.58 -7.59
CA LEU A 153 -9.47 10.51 -7.98
C LEU A 153 -10.65 10.88 -8.36
C LEU A 153 -10.72 10.83 -8.78
N ALA A 154 -11.41 9.83 -8.64
N ALA A 154 -11.49 9.80 -9.11
CA ALA A 154 -12.68 9.93 -9.33
CA ALA A 154 -12.82 9.93 -9.70
C ALA A 154 -13.80 9.74 -8.33
C ALA A 154 -13.85 9.68 -8.60
N VAL A 155 -14.70 10.72 -8.26
N VAL A 155 -14.66 10.70 -8.30
CA VAL A 155 -15.83 10.70 -7.36
CA VAL A 155 -15.66 10.66 -7.24
C VAL A 155 -17.08 10.66 -8.22
C VAL A 155 -17.04 10.59 -7.88
N PHE A 156 -17.82 9.54 -8.14
N PHE A 156 -17.79 9.52 -7.57
CA PHE A 156 -18.99 9.34 -8.99
CA PHE A 156 -19.03 9.23 -8.27
C PHE A 156 -20.10 10.34 -8.66
C PHE A 156 -20.14 10.24 -7.93
N ASP A 157 -20.35 10.59 -7.38
N ASP A 157 -20.25 10.63 -6.66
CA ASP A 157 -21.49 11.38 -6.95
CA ASP A 157 -21.39 11.41 -6.18
C ASP A 157 -21.12 12.86 -7.02
C ASP A 157 -21.11 12.90 -6.25
N LYS A 158 -21.90 13.64 -7.78
N LYS A 158 -22.01 13.65 -6.90
CA LYS A 158 -21.58 15.06 -7.93
CA LYS A 158 -21.85 15.08 -7.12
C LYS A 158 -21.77 15.82 -6.62
C LYS A 158 -21.79 15.85 -5.80
N ASN A 159 -22.86 15.52 -5.90
N ASN A 159 -22.80 15.68 -4.95
CA ASN A 159 -23.07 16.19 -4.62
CA ASN A 159 -22.83 16.43 -3.69
C ASN A 159 -21.90 15.92 -3.67
C ASN A 159 -21.64 16.07 -2.82
N LEU A 160 -21.45 14.68 -3.60
N LEU A 160 -21.15 14.83 -2.91
CA LEU A 160 -20.34 14.36 -2.70
CA LEU A 160 -19.91 14.49 -2.22
C LEU A 160 -19.07 15.08 -3.10
C LEU A 160 -18.71 15.18 -2.88
N TYR A 161 -18.81 15.16 -4.41
N TYR A 161 -18.60 15.12 -4.22
CA TYR A 161 -17.61 15.83 -4.88
CA TYR A 161 -17.53 15.83 -4.90
C TYR A 161 -17.55 17.27 -4.38
C TYR A 161 -17.53 17.31 -4.53
N ASP A 162 -18.66 18.01 -4.50
N ASP A 162 -18.70 17.95 -4.66
CA ASP A 162 -18.66 19.42 -4.10
CA ASP A 162 -18.82 19.35 -4.27
C ASP A 162 -18.39 19.56 -2.61
C ASP A 162 -18.43 19.56 -2.82
N LYS A 163 -18.92 18.65 -1.80
N LYS A 163 -18.82 18.63 -1.94
CA LYS A 163 -18.65 18.69 -0.35
CA LYS A 163 -18.52 18.78 -0.52
C LYS A 163 -17.19 18.41 -0.05
C LYS A 163 -17.04 18.55 -0.23
N LEU A 164 -16.58 17.48 -0.81
N LEU A 164 -16.45 17.52 -0.86
CA LEU A 164 -15.17 17.16 -0.61
CA LEU A 164 -15.03 17.26 -0.66
C LEU A 164 -14.29 18.38 -0.88
C LEU A 164 -14.17 18.43 -1.11
N VAL A 165 -14.54 19.04 -2.00
N VAL A 165 -14.57 19.07 -2.21
CA VAL A 165 -13.74 20.21 -2.38
CA VAL A 165 -13.86 20.26 -2.67
C VAL A 165 -13.99 21.35 -1.40
C VAL A 165 -13.99 21.38 -1.65
N SER A 166 -15.26 21.72 -1.19
N SER A 166 -15.22 21.63 -1.18
CA SER A 166 -15.58 22.87 -0.37
CA SER A 166 -15.47 22.84 -0.39
C SER A 166 -15.16 22.67 1.09
C SER A 166 -14.83 22.77 0.99
N SER A 167 -14.99 21.42 1.52
N SER A 167 -14.68 21.58 1.56
CA SER A 167 -14.55 21.13 2.87
CA SER A 167 -14.18 21.42 2.92
C SER A 167 -13.07 20.75 2.95
C SER A 167 -12.69 21.13 2.99
N PHE A 168 -12.34 20.77 1.83
N PHE A 168 -11.99 21.18 1.85
CA PHE A 168 -10.96 20.33 1.88
CA PHE A 168 -10.59 20.78 1.80
C PHE A 168 -10.07 21.39 2.54
C PHE A 168 -9.72 21.87 2.41
N LEU A 169 -9.17 20.93 3.41
N LEU A 169 -9.10 21.57 3.54
CA LEU A 169 -8.23 21.81 4.05
CA LEU A 169 -8.36 22.57 4.31
C LEU A 169 -6.87 21.67 3.38
C LEU A 169 -6.99 22.85 3.69
N SER B 1 3.50 -24.04 21.56
N SER B 1 3.54 -24.02 21.59
CA SER B 1 4.88 -23.67 21.16
CA SER B 1 4.85 -23.62 21.03
C SER B 1 5.11 -22.18 21.32
C SER B 1 5.05 -22.11 21.19
N MET B 2 6.38 -21.81 21.27
N MET B 2 6.30 -21.70 21.00
CA MET B 2 6.82 -20.45 21.55
CA MET B 2 6.75 -20.35 21.32
C MET B 2 7.27 -19.80 20.26
C MET B 2 7.16 -19.68 20.01
N VAL B 3 6.56 -18.75 19.84
N VAL B 3 6.33 -18.77 19.52
CA VAL B 3 6.90 -17.98 18.67
CA VAL B 3 6.66 -17.95 18.36
C VAL B 3 6.82 -16.49 19.02
C VAL B 3 6.55 -16.48 18.75
N ASN B 4 7.43 -15.67 18.16
CA ASN B 4 7.47 -14.23 18.41
C ASN B 4 7.81 -13.93 19.87
N SER B 5 8.80 -14.65 20.40
CA SER B 5 9.19 -14.50 21.80
C SER B 5 10.41 -13.57 21.87
N PHE B 6 10.14 -12.30 21.60
CA PHE B 6 11.16 -11.27 21.64
C PHE B 6 11.50 -10.94 23.09
N SER B 7 12.79 -10.84 23.38
CA SER B 7 13.26 -10.59 24.74
C SER B 7 14.43 -9.64 24.74
N GLY B 8 14.46 -8.74 25.70
CA GLY B 8 15.59 -7.85 25.88
C GLY B 8 15.62 -6.66 24.97
N TYR B 9 14.48 -6.28 24.39
CA TYR B 9 14.44 -5.12 23.51
C TYR B 9 14.18 -3.84 24.29
N LEU B 10 14.76 -2.77 23.80
CA LEU B 10 14.53 -1.44 24.35
C LEU B 10 13.41 -0.78 23.54
N LYS B 11 12.43 -0.23 24.25
CA LYS B 11 11.30 0.42 23.60
C LYS B 11 11.71 1.82 23.17
N LEU B 12 11.56 2.12 21.88
CA LEU B 12 11.77 3.47 21.37
C LEU B 12 10.46 4.24 21.24
N THR B 13 9.46 3.62 20.64
CA THR B 13 8.10 4.13 20.55
C THR B 13 7.15 3.00 20.93
N ASP B 14 5.85 3.31 20.88
N ASP B 14 5.85 3.30 20.87
CA ASP B 14 4.86 2.29 21.24
CA ASP B 14 4.85 2.30 21.24
C ASP B 14 5.01 1.03 20.40
C ASP B 14 4.88 1.07 20.35
N ASN B 15 5.51 1.16 19.17
CA ASN B 15 5.57 0.02 18.26
C ASN B 15 6.96 -0.31 17.71
N VAL B 16 7.99 0.44 18.07
CA VAL B 16 9.35 0.20 17.57
C VAL B 16 10.26 -0.12 18.74
N TYR B 17 10.92 -1.27 18.65
CA TYR B 17 11.82 -1.80 19.67
C TYR B 17 13.17 -2.09 19.05
N ILE B 18 14.23 -2.07 19.85
CA ILE B 18 15.57 -2.23 19.31
C ILE B 18 16.44 -3.04 20.27
N LYS B 19 17.35 -3.82 19.70
CA LYS B 19 18.23 -4.69 20.47
C LYS B 19 19.58 -4.80 19.77
N ASN B 20 20.64 -4.88 20.56
CA ASN B 20 21.97 -5.17 20.03
C ASN B 20 22.07 -6.67 19.88
N ALA B 21 21.98 -7.16 18.64
CA ALA B 21 21.90 -8.60 18.43
C ALA B 21 22.21 -8.94 16.97
N ASP B 22 22.64 -10.19 16.77
CA ASP B 22 22.83 -10.81 15.47
C ASP B 22 21.45 -11.31 15.00
N ILE B 23 20.98 -10.77 13.87
CA ILE B 23 19.60 -11.05 13.44
C ILE B 23 19.37 -12.53 13.15
N VAL B 24 20.41 -13.24 12.70
CA VAL B 24 20.27 -14.69 12.48
C VAL B 24 20.08 -15.41 13.81
N GLU B 25 20.93 -15.11 14.79
CA GLU B 25 20.78 -15.73 16.10
C GLU B 25 19.44 -15.35 16.73
N GLU B 26 19.02 -14.09 16.55
N GLU B 26 19.03 -14.09 16.56
CA GLU B 26 17.73 -13.66 17.07
CA GLU B 26 17.73 -13.65 17.07
C GLU B 26 16.59 -14.44 16.43
C GLU B 26 16.60 -14.44 16.44
N ALA B 27 16.63 -14.57 15.11
CA ALA B 27 15.57 -15.32 14.43
C ALA B 27 15.47 -16.73 14.96
N LYS B 28 16.60 -17.40 15.16
CA LYS B 28 16.57 -18.78 15.62
C LYS B 28 16.02 -18.88 17.05
N LYS B 29 16.24 -17.85 17.87
CA LYS B 29 15.76 -17.86 19.25
C LYS B 29 14.31 -17.40 19.37
N VAL B 30 13.95 -16.33 18.66
CA VAL B 30 12.64 -15.70 18.78
C VAL B 30 11.55 -16.49 18.07
N LYS B 31 11.91 -17.18 17.00
CA LYS B 31 10.98 -17.90 16.15
C LYS B 31 9.91 -16.95 15.63
N PRO B 32 10.30 -15.89 14.90
CA PRO B 32 9.31 -14.90 14.44
C PRO B 32 8.47 -15.41 13.29
N THR B 33 7.24 -14.89 13.21
CA THR B 33 6.43 -15.11 12.02
C THR B 33 7.09 -14.54 10.78
N VAL B 34 7.74 -13.38 10.91
CA VAL B 34 8.33 -12.69 9.77
C VAL B 34 9.71 -12.20 10.15
N VAL B 35 10.72 -12.57 9.37
CA VAL B 35 12.01 -11.90 9.38
C VAL B 35 12.15 -11.12 8.09
N VAL B 36 12.61 -9.88 8.20
CA VAL B 36 12.84 -9.02 7.05
C VAL B 36 14.27 -9.22 6.53
N ASN B 37 14.38 -9.39 5.22
CA ASN B 37 15.68 -9.37 4.55
C ASN B 37 15.90 -8.01 3.89
N ALA B 38 17.14 -7.52 4.01
CA ALA B 38 17.63 -6.34 3.28
C ALA B 38 18.01 -6.78 1.87
N ALA B 39 16.98 -6.88 1.02
CA ALA B 39 17.09 -7.47 -0.31
C ALA B 39 17.45 -6.42 -1.36
N ASN B 40 17.84 -6.92 -2.53
CA ASN B 40 17.92 -6.14 -3.76
C ASN B 40 16.91 -6.66 -4.78
N VAL B 41 16.76 -5.93 -5.90
CA VAL B 41 15.64 -6.20 -6.79
C VAL B 41 15.70 -7.58 -7.43
N TYR B 42 16.90 -8.15 -7.59
CA TYR B 42 17.03 -9.47 -8.17
C TYR B 42 17.20 -10.57 -7.12
N LEU B 43 17.01 -10.23 -5.84
CA LEU B 43 17.09 -11.20 -4.75
C LEU B 43 18.39 -11.99 -4.82
N LYS B 44 19.50 -11.29 -5.06
CA LYS B 44 20.83 -11.88 -5.04
C LYS B 44 21.44 -11.59 -3.67
N HIS B 45 21.49 -12.63 -2.83
CA HIS B 45 21.76 -12.45 -1.41
C HIS B 45 23.25 -12.60 -1.13
N GLY B 46 24.00 -11.59 -1.54
N GLY B 46 24.01 -11.60 -1.56
CA GLY B 46 25.45 -11.66 -1.52
CA GLY B 46 25.45 -11.68 -1.48
C GLY B 46 26.15 -11.22 -0.24
C GLY B 46 26.04 -11.30 -0.15
N GLY B 47 25.79 -10.05 0.28
CA GLY B 47 26.51 -9.47 1.40
C GLY B 47 25.58 -9.03 2.52
N GLY B 48 26.20 -8.52 3.59
CA GLY B 48 25.43 -7.94 4.67
C GLY B 48 24.38 -8.90 5.21
N VAL B 49 23.22 -8.34 5.53
CA VAL B 49 22.14 -9.13 6.12
C VAL B 49 21.71 -10.26 5.19
N ALA B 50 21.54 -9.95 3.89
CA ALA B 50 21.03 -10.96 2.98
C ALA B 50 21.99 -12.14 2.88
N GLY B 51 23.30 -11.86 2.80
CA GLY B 51 24.25 -12.95 2.75
C GLY B 51 24.20 -13.81 4.00
N ALA B 52 24.04 -13.19 5.16
CA ALA B 52 23.99 -13.93 6.41
C ALA B 52 22.72 -14.78 6.50
N LEU B 53 21.56 -14.21 6.16
CA LEU B 53 20.33 -14.99 6.19
C LEU B 53 20.42 -16.17 5.23
N ASN B 54 20.89 -15.92 4.00
CA ASN B 54 20.95 -17.00 3.03
C ASN B 54 21.90 -18.10 3.50
N LYS B 55 23.06 -17.71 4.03
CA LYS B 55 24.01 -18.71 4.54
C LYS B 55 23.37 -19.56 5.62
N ALA B 56 22.59 -18.95 6.52
CA ALA B 56 21.94 -19.71 7.58
C ALA B 56 20.98 -20.75 7.01
N THR B 57 20.39 -20.48 5.84
CA THR B 57 19.49 -21.44 5.19
C THR B 57 20.23 -22.44 4.31
N ASN B 58 21.57 -22.44 4.35
CA ASN B 58 22.36 -23.34 3.51
C ASN B 58 22.01 -23.16 2.03
N ASN B 59 21.81 -21.91 1.63
CA ASN B 59 21.55 -21.49 0.25
C ASN B 59 20.13 -21.79 -0.22
N ALA B 60 19.26 -22.37 0.62
CA ALA B 60 17.89 -22.64 0.20
C ALA B 60 17.16 -21.36 -0.16
N MET B 61 17.43 -20.28 0.57
CA MET B 61 16.80 -19.00 0.27
C MET B 61 17.19 -18.54 -1.15
N GLN B 62 18.45 -18.69 -1.53
CA GLN B 62 18.86 -18.24 -2.86
C GLN B 62 18.21 -19.07 -3.95
N VAL B 63 18.14 -20.39 -3.77
CA VAL B 63 17.50 -21.23 -4.77
C VAL B 63 16.03 -20.84 -4.95
N GLU B 64 15.33 -20.66 -3.83
CA GLU B 64 13.94 -20.24 -3.89
C GLU B 64 13.79 -18.87 -4.54
N SER B 65 14.71 -17.96 -4.22
CA SER B 65 14.66 -16.61 -4.77
C SER B 65 14.87 -16.60 -6.28
N ASP B 66 15.83 -17.39 -6.77
CA ASP B 66 16.06 -17.44 -8.21
C ASP B 66 14.83 -17.96 -8.94
N ASP B 67 14.14 -18.94 -8.36
CA ASP B 67 12.90 -19.43 -8.97
C ASP B 67 11.83 -18.35 -8.96
N TYR B 68 11.72 -17.60 -7.86
CA TYR B 68 10.76 -16.49 -7.81
C TYR B 68 11.04 -15.49 -8.93
N ILE B 69 12.31 -15.13 -9.13
CA ILE B 69 12.68 -14.15 -10.16
C ILE B 69 12.37 -14.69 -11.55
N ALA B 70 12.65 -15.96 -11.80
CA ALA B 70 12.33 -16.54 -13.10
C ALA B 70 10.85 -16.40 -13.42
N THR B 71 9.99 -16.57 -12.41
CA THR B 71 8.56 -16.53 -12.63
C THR B 71 8.01 -15.11 -12.67
N ASN B 72 8.57 -14.21 -11.85
CA ASN B 72 7.95 -12.92 -11.60
C ASN B 72 8.77 -11.72 -12.05
N GLY B 73 10.05 -11.88 -12.36
CA GLY B 73 10.91 -10.76 -12.66
C GLY B 73 11.31 -10.01 -11.40
N PRO B 74 12.15 -8.99 -11.57
CA PRO B 74 12.70 -8.28 -10.41
C PRO B 74 11.65 -7.46 -9.69
N LEU B 75 11.94 -7.22 -8.42
CA LEU B 75 11.15 -6.31 -7.62
C LEU B 75 11.44 -4.86 -8.03
N LYS B 76 10.63 -3.94 -7.52
CA LYS B 76 10.90 -2.51 -7.59
C LYS B 76 11.67 -2.07 -6.34
N VAL B 77 12.56 -1.09 -6.49
CA VAL B 77 13.11 -0.43 -5.32
C VAL B 77 11.96 0.18 -4.54
N GLY B 78 11.89 -0.11 -3.24
CA GLY B 78 10.77 0.26 -2.41
C GLY B 78 9.72 -0.82 -2.25
N GLY B 79 9.83 -1.91 -3.01
CA GLY B 79 8.87 -3.00 -2.96
C GLY B 79 9.36 -4.18 -2.14
N SER B 80 8.55 -5.25 -2.15
CA SER B 80 8.84 -6.42 -1.35
C SER B 80 8.15 -7.65 -1.93
N CYS B 81 8.58 -8.82 -1.45
CA CYS B 81 7.83 -10.05 -1.66
C CYS B 81 7.97 -10.91 -0.42
N VAL B 82 6.97 -11.78 -0.23
CA VAL B 82 6.97 -12.75 0.87
C VAL B 82 7.39 -14.10 0.33
N LEU B 83 8.44 -14.68 0.91
CA LEU B 83 8.89 -16.03 0.60
C LEU B 83 9.03 -16.82 1.90
N SER B 84 9.49 -18.07 1.80
CA SER B 84 9.65 -18.87 3.00
C SER B 84 10.70 -18.29 3.93
N GLY B 85 10.51 -18.52 5.23
CA GLY B 85 11.53 -18.20 6.20
C GLY B 85 12.47 -19.34 6.53
N HIS B 86 12.30 -20.54 5.95
CA HIS B 86 13.27 -21.63 6.08
C HIS B 86 13.46 -21.97 7.56
N ASN B 87 14.69 -22.01 8.06
CA ASN B 87 14.98 -22.29 9.46
C ASN B 87 15.02 -21.05 10.32
N LEU B 88 14.59 -19.91 9.79
CA LEU B 88 14.67 -18.62 10.48
C LEU B 88 13.34 -18.08 10.97
N ALA B 89 12.25 -18.39 10.27
CA ALA B 89 10.97 -17.72 10.50
C ALA B 89 9.93 -18.46 9.69
N LYS B 90 8.66 -18.18 9.96
CA LYS B 90 7.62 -18.69 9.07
C LYS B 90 7.81 -18.14 7.66
N HIS B 91 7.99 -16.82 7.56
CA HIS B 91 8.14 -16.12 6.29
C HIS B 91 9.36 -15.22 6.34
N CYS B 92 9.96 -15.00 5.18
CA CYS B 92 10.90 -13.91 4.99
C CYS B 92 10.26 -12.87 4.10
N LEU B 93 10.19 -11.63 4.60
CA LEU B 93 9.76 -10.49 3.82
C LEU B 93 10.99 -9.83 3.22
N HIS B 94 11.19 -10.02 1.92
CA HIS B 94 12.33 -9.44 1.22
C HIS B 94 11.96 -8.02 0.83
N VAL B 95 12.59 -7.02 1.44
CA VAL B 95 12.25 -5.61 1.21
C VAL B 95 13.45 -4.92 0.58
N VAL B 96 13.21 -4.18 -0.49
CA VAL B 96 14.28 -3.49 -1.21
C VAL B 96 14.28 -2.01 -0.79
N GLY B 97 15.20 -1.62 0.08
CA GLY B 97 15.45 -0.22 0.33
C GLY B 97 16.39 0.33 -0.73
N PRO B 98 16.42 1.66 -0.90
CA PRO B 98 17.37 2.25 -1.84
C PRO B 98 18.81 2.05 -1.38
N ASN B 99 19.67 1.76 -2.34
CA ASN B 99 21.10 1.60 -2.10
C ASN B 99 21.79 2.91 -2.51
N VAL B 100 22.13 3.73 -1.52
N VAL B 100 22.14 3.73 -1.52
CA VAL B 100 22.80 5.00 -1.80
CA VAL B 100 22.81 5.00 -1.77
C VAL B 100 24.17 4.76 -2.43
C VAL B 100 24.18 4.77 -2.40
N ASN B 101 24.85 3.67 -2.05
CA ASN B 101 26.13 3.33 -2.68
C ASN B 101 25.99 2.99 -4.15
N LYS B 102 24.76 2.76 -4.63
CA LYS B 102 24.47 2.60 -6.06
C LYS B 102 23.80 3.82 -6.66
N GLY B 103 23.72 4.92 -5.91
CA GLY B 103 23.12 6.14 -6.42
C GLY B 103 21.62 6.20 -6.38
N GLU B 104 20.96 5.23 -5.75
N GLU B 104 20.95 5.25 -5.72
CA GLU B 104 19.50 5.18 -5.74
CA GLU B 104 19.51 5.23 -5.67
C GLU B 104 18.95 6.23 -4.79
C GLU B 104 18.98 6.27 -4.69
N ASP B 105 17.71 6.64 -5.05
N ASP B 105 17.75 6.72 -4.93
CA ASP B 105 17.13 7.79 -4.36
CA ASP B 105 17.20 7.87 -4.22
C ASP B 105 16.76 7.42 -2.93
C ASP B 105 16.78 7.48 -2.81
N ILE B 106 17.38 8.10 -1.98
N ILE B 106 17.40 8.13 -1.82
CA ILE B 106 17.10 7.86 -0.56
CA ILE B 106 17.08 7.88 -0.42
C ILE B 106 15.64 8.14 -0.22
C ILE B 106 15.61 8.15 -0.12
N GLN B 107 14.96 8.97 -1.02
N GLN B 107 14.94 8.95 -0.95
CA GLN B 107 13.55 9.24 -0.77
CA GLN B 107 13.52 9.23 -0.73
C GLN B 107 12.69 7.99 -0.79
C GLN B 107 12.66 7.99 -0.81
N LEU B 108 13.12 6.93 -1.48
CA LEU B 108 12.36 5.69 -1.59
C LEU B 108 12.36 4.86 -0.30
N LEU B 109 13.08 5.31 0.72
CA LEU B 109 13.15 4.57 1.96
C LEU B 109 11.80 4.51 2.66
N LYS B 110 11.01 5.58 2.58
CA LYS B 110 9.69 5.54 3.22
C LYS B 110 8.81 4.47 2.58
N SER B 111 8.76 4.42 1.25
CA SER B 111 8.00 3.38 0.56
C SER B 111 8.46 2.00 1.00
N ALA B 112 9.77 1.80 1.12
CA ALA B 112 10.29 0.50 1.55
C ALA B 112 9.75 0.12 2.93
N TYR B 113 9.79 1.06 3.88
CA TYR B 113 9.28 0.77 5.21
C TYR B 113 7.77 0.53 5.23
N GLU B 114 7.02 1.12 4.30
CA GLU B 114 5.57 0.90 4.29
C GLU B 114 5.24 -0.58 4.14
N ASN B 115 6.13 -1.37 3.52
CA ASN B 115 5.86 -2.79 3.40
C ASN B 115 5.68 -3.45 4.76
N PHE B 116 6.36 -2.93 5.80
CA PHE B 116 6.28 -3.54 7.11
C PHE B 116 4.85 -3.47 7.66
N ASN B 117 4.06 -2.47 7.24
CA ASN B 117 2.71 -2.31 7.79
C ASN B 117 1.76 -3.41 7.37
N GLN B 118 2.15 -4.27 6.44
CA GLN B 118 1.33 -5.41 6.05
C GLN B 118 1.51 -6.62 6.96
N HIS B 119 2.30 -6.49 8.04
CA HIS B 119 2.58 -7.58 8.96
C HIS B 119 2.47 -7.08 10.39
N GLU B 120 1.76 -7.81 11.24
CA GLU B 120 1.48 -7.29 12.57
C GLU B 120 2.73 -7.21 13.44
N VAL B 121 3.70 -8.11 13.24
CA VAL B 121 4.94 -8.13 14.00
C VAL B 121 6.06 -8.67 13.12
N LEU B 122 7.23 -8.02 13.19
CA LEU B 122 8.38 -8.39 12.36
C LEU B 122 9.66 -8.25 13.15
N LEU B 123 10.62 -9.15 12.85
CA LEU B 123 12.03 -8.99 13.21
C LEU B 123 12.75 -8.41 11.99
N ALA B 124 13.48 -7.32 12.17
CA ALA B 124 13.99 -6.61 10.99
C ALA B 124 15.34 -5.96 11.24
N PRO B 125 16.11 -5.75 10.16
CA PRO B 125 17.25 -4.82 10.19
C PRO B 125 16.78 -3.42 9.81
N LEU B 126 17.66 -2.44 10.01
CA LEU B 126 17.40 -1.09 9.51
C LEU B 126 17.61 -1.07 8.00
N LEU B 127 16.57 -0.69 7.28
CA LEU B 127 16.65 -0.69 5.83
C LEU B 127 17.61 0.38 5.33
N SER B 128 18.29 0.04 4.24
CA SER B 128 19.23 0.89 3.53
C SER B 128 20.48 1.20 4.36
N ALA B 129 20.63 0.60 5.53
CA ALA B 129 21.83 0.79 6.35
C ALA B 129 22.97 -0.09 5.85
N GLY B 130 24.12 0.07 6.50
CA GLY B 130 25.22 -0.84 6.25
C GLY B 130 25.73 -0.73 4.83
N ILE B 131 25.80 -1.88 4.16
CA ILE B 131 26.33 -1.91 2.80
C ILE B 131 25.47 -1.16 1.81
N PHE B 132 24.24 -0.80 2.18
CA PHE B 132 23.38 0.02 1.32
C PHE B 132 23.68 1.51 1.43
N GLY B 133 24.45 1.95 2.42
CA GLY B 133 25.04 3.29 2.41
C GLY B 133 24.25 4.42 3.02
N ALA B 134 23.02 4.20 3.48
CA ALA B 134 22.28 5.29 4.09
C ALA B 134 22.73 5.51 5.53
N ASP B 135 22.43 6.69 6.06
CA ASP B 135 22.71 7.01 7.45
C ASP B 135 21.78 6.18 8.32
N PRO B 136 22.28 5.29 9.16
CA PRO B 136 21.36 4.48 9.99
C PRO B 136 20.49 5.30 10.91
N ILE B 137 20.97 6.47 11.36
CA ILE B 137 20.13 7.35 12.16
C ILE B 137 18.90 7.80 11.36
N HIS B 138 19.11 8.12 10.10
CA HIS B 138 17.98 8.47 9.24
C HIS B 138 17.06 7.27 9.00
N SER B 139 17.64 6.09 8.80
CA SER B 139 16.80 4.91 8.60
C SER B 139 15.91 4.66 9.80
N LEU B 140 16.46 4.83 11.01
CA LEU B 140 15.65 4.67 12.21
C LEU B 140 14.54 5.71 12.26
N ARG B 141 14.87 6.95 11.89
CA ARG B 141 13.87 8.04 11.82
C ARG B 141 12.72 7.66 10.91
N VAL B 142 13.04 7.23 9.69
CA VAL B 142 11.99 6.87 8.74
C VAL B 142 11.20 5.68 9.26
N CYS B 143 11.87 4.70 9.87
CA CYS B 143 11.17 3.56 10.45
C CYS B 143 10.13 4.02 11.47
N VAL B 144 10.55 4.83 12.44
CA VAL B 144 9.63 5.27 13.48
C VAL B 144 8.48 6.09 12.91
N ASP B 145 8.75 6.89 11.88
CA ASP B 145 7.74 7.77 11.30
C ASP B 145 6.86 7.08 10.27
N THR B 146 7.13 5.83 9.93
CA THR B 146 6.42 5.12 8.87
C THR B 146 5.74 3.84 9.33
N VAL B 147 6.45 3.04 10.11
CA VAL B 147 5.93 1.75 10.53
C VAL B 147 5.01 1.96 11.72
N ARG B 148 3.83 1.33 11.64
CA ARG B 148 2.84 1.37 12.71
C ARG B 148 2.62 0.02 13.36
N THR B 149 3.01 -1.07 12.69
CA THR B 149 2.96 -2.41 13.26
C THR B 149 4.19 -2.60 14.15
N ASN B 150 4.27 -3.76 14.80
CA ASN B 150 5.29 -3.96 15.84
C ASN B 150 6.58 -4.45 15.18
N VAL B 151 7.61 -3.62 15.23
CA VAL B 151 8.88 -3.94 14.59
C VAL B 151 9.98 -4.02 15.65
N TYR B 152 10.70 -5.14 15.62
CA TYR B 152 11.80 -5.46 16.52
C TYR B 152 13.08 -5.39 15.69
N LEU B 153 13.87 -4.35 15.91
CA LEU B 153 15.08 -4.08 15.13
C LEU B 153 16.29 -4.72 15.79
N ALA B 154 17.07 -5.44 15.00
CA ALA B 154 18.33 -6.05 15.43
C ALA B 154 19.48 -5.27 14.84
N VAL B 155 20.35 -4.78 15.71
CA VAL B 155 21.54 -4.03 15.31
C VAL B 155 22.76 -4.80 15.81
N PHE B 156 23.60 -5.23 14.88
CA PHE B 156 24.70 -6.14 15.22
C PHE B 156 25.80 -5.45 16.05
N ASP B 157 26.25 -4.28 15.62
CA ASP B 157 27.38 -3.62 16.24
C ASP B 157 26.93 -2.83 17.47
N LYS B 158 27.47 -3.19 18.64
N LYS B 158 27.43 -3.22 18.65
CA LYS B 158 27.14 -2.47 19.88
CA LYS B 158 27.08 -2.52 19.89
C LYS B 158 27.39 -0.96 19.75
C LYS B 158 27.33 -1.02 19.80
N ASN B 159 28.46 -0.57 19.05
N ASN B 159 28.38 -0.61 19.08
CA ASN B 159 28.78 0.85 18.93
CA ASN B 159 28.69 0.81 19.00
C ASN B 159 27.75 1.59 18.08
C ASN B 159 27.69 1.56 18.13
N LEU B 160 27.20 0.93 17.05
CA LEU B 160 26.15 1.56 16.27
C LEU B 160 24.85 1.58 17.05
N TYR B 161 24.54 0.48 17.74
CA TYR B 161 23.38 0.44 18.63
C TYR B 161 23.39 1.62 19.59
N ASP B 162 24.53 1.83 20.25
CA ASP B 162 24.63 2.93 21.21
C ASP B 162 24.40 4.28 20.55
N LYS B 163 24.97 4.48 19.35
CA LYS B 163 24.77 5.74 18.63
C LYS B 163 23.31 5.95 18.29
N LEU B 164 22.62 4.88 17.87
CA LEU B 164 21.21 4.97 17.51
C LEU B 164 20.34 5.28 18.72
N VAL B 165 20.56 4.57 19.83
CA VAL B 165 19.73 4.76 21.02
C VAL B 165 20.02 6.13 21.64
N SER B 166 21.30 6.45 21.80
CA SER B 166 21.68 7.65 22.53
C SER B 166 21.26 8.91 21.78
N SER B 167 21.14 8.85 20.46
CA SER B 167 20.75 10.01 19.66
C SER B 167 19.27 10.06 19.31
N PHE B 168 18.50 9.01 19.62
CA PHE B 168 17.08 9.01 19.23
C PHE B 168 16.27 10.04 20.02
N LEU B 169 16.66 10.27 21.27
CA LEU B 169 15.96 11.21 22.15
C LEU B 169 16.89 11.88 23.15
N2 A1A9Z C . -16.56 6.13 -7.16
C3 A1A9Z C . -20.97 8.11 -2.11
C6 A1A9Z C . -18.14 5.60 -3.06
C9 A1A9Z C . -17.50 5.18 -6.83
C12 A1A9Z C . -18.08 4.40 -7.88
C14 A1A9Z C . -19.11 3.09 -9.47
C1 A1A9Z C . -23.39 8.49 -2.89
C10 A1A9Z C . -16.21 6.33 -8.47
C11 A1A9Z C . -17.60 4.74 -9.16
C13 A1A9Z C . -19.03 3.35 -8.11
C15 A1A9Z C . -20.61 5.98 -3.89
C16 A1A9Z C . -21.84 6.67 -3.83
C2 A1A9Z C . -22.06 7.75 -2.94
C4 A1A9Z C . -19.74 7.42 -2.16
C5 A1A9Z C . -19.52 6.34 -3.04
C7 A1A9Z C . -17.26 5.71 -4.34
C8 A1A9Z C . -15.83 5.15 -3.97
N1 A1A9Z C . -17.82 4.99 -5.49
N3 A1A9Z C . -16.68 5.68 -9.55
N4 A1A9Z C . -18.20 3.96 -10.19
O1 A1A9Z C . -15.35 5.82 -2.86
H5 A1A9Z C . -21.10 8.96 -1.39
H7 A1A9Z C . -18.26 4.52 -2.85
H8 A1A9Z C . -17.53 5.94 -2.19
H15 A1A9Z C . -19.62 2.45 -10.17
H3 A1A9Z C . -23.46 9.31 -2.13
H4 A1A9Z C . -24.27 7.85 -2.63
H2 A1A9Z C . -23.70 8.98 -3.83
H13 A1A9Z C . -15.44 7.12 -8.71
H14 A1A9Z C . -19.65 2.79 -7.41
H17 A1A9Z C . -20.48 5.14 -4.60
H18 A1A9Z C . -22.67 6.36 -4.51
H6 A1A9Z C . -18.91 7.74 -1.47
H1 A1A9Z C . -17.20 6.82 -4.55
H10 A1A9Z C . -15.88 4.04 -3.84
H9 A1A9Z C . -15.13 5.29 -4.83
H12 A1A9Z C . -18.54 4.29 -5.24
H16 A1A9Z C . -18.07 3.97 -11.10
H11 A1A9Z C . -14.62 5.34 -2.43
O1 A1A9Y D . -15.32 5.90 -2.89
C1 A1A9Y D . -23.43 7.86 -2.45
C2 A1A9Y D . -22.00 7.58 -2.78
C3 A1A9Y D . -20.98 8.04 -1.96
C4 A1A9Y D . -19.64 7.78 -2.27
C5 A1A9Y D . -19.25 7.05 -3.40
C6 A1A9Y D . -17.78 6.80 -3.68
C7 A1A9Y D . -17.32 5.35 -4.06
C8 A1A9Y D . -15.75 5.27 -4.04
C10 A1A9Y D . -16.18 6.37 -8.20
C11 A1A9Y D . -17.54 4.78 -9.07
C12 A1A9Y D . -18.02 4.42 -7.77
C13 A1A9Y D . -18.96 3.37 -8.01
C14 A1A9Y D . -19.04 3.12 -9.36
C15 A1A9Y D . -20.30 6.59 -4.22
C16 A1A9Y D . -21.64 6.85 -3.91
C9 A1A9Y D . -17.49 5.13 -6.67
N1 A1A9Y D . -17.89 4.86 -5.35
N2 A1A9Y D . -16.55 6.12 -6.90
N3 A1A9Y D . -16.61 5.76 -9.32
N4 A1A9Y D . -18.16 3.99 -10.01
H11 A1A9Y D . -14.38 5.73 -2.81
H2 A1A9Y D . -23.56 8.56 -1.60
H4 A1A9Y D . -23.99 6.96 -2.17
H3 A1A9Y D . -24.01 8.31 -3.28
H5 A1A9Y D . -21.23 8.62 -1.08
H6 A1A9Y D . -18.88 8.16 -1.59
H8 A1A9Y D . -17.21 7.15 -2.79
H7 A1A9Y D . -17.44 7.51 -4.46
H1 A1A9Y D . -17.68 4.67 -3.24
H10 A1A9Y D . -15.41 4.21 -4.07
H9 A1A9Y D . -15.31 5.74 -4.94
H13 A1A9Y D . -15.44 7.16 -8.37
H14 A1A9Y D . -19.53 2.83 -7.27
H15 A1A9Y D . -19.63 2.41 -9.92
H17 A1A9Y D . -20.09 6.01 -5.11
H18 A1A9Y D . -22.43 6.48 -4.57
H12 A1A9Y D . -18.68 4.23 -5.29
H16 A1A9Y D . -18.00 4.05 -11.02
CL CL E . -19.49 2.47 -3.76
#